data_3U2P
#
_entry.id   3U2P
#
_cell.length_a   42.170
_cell.length_b   85.560
_cell.length_c   152.400
_cell.angle_alpha   90.00
_cell.angle_beta   90.00
_cell.angle_gamma   90.00
#
_symmetry.space_group_name_H-M   'P 21 21 21'
#
loop_
_entity.id
_entity.type
_entity.pdbx_description
1 polymer 'Receptor tyrosine-protein kinase erbB-4'
2 non-polymer 2-acetamido-2-deoxy-beta-D-glucopyranose
3 water water
#
_entity_poly.entity_id   1
_entity_poly.type   'polypeptide(L)'
_entity_poly.pdbx_seq_one_letter_code
;QSVCAGTENKLSSLSDLEQQYRALRKYYENCEVVMGNLEITSIEHNRDLSFLRSVREVTGYVLVALNQFRYLPLENLRII
RGTKLYEDRYALAIFLNYRKDGNFGLQELGLKNLTEILNGGVYVDQNKFLCYADTIHWQDIVRNPWPSNLTLVSTNGSSG
CGRCHKSCTGRCWGPTENHCQTLTRTVCAEQCDGRCYGPYVSDCCHRECAGGCSGPKDTDCFACMNFNDSGACVTQCPQT
FVYNPTTFQLEHNFNAKYTYGAFCVKKCPHNFVVDSSSCVRACPSSKMEVEENGIKMCKPCTDICPKACDGIGTGSLMSA
QTVDSSNIDKFINCTKINGNLIFLVTGIHGDPYNAIEAIDPEKLNVFRTVREITGFLNIQSWPPNMTDFSVFSNLVTIGG
RVLYSGLSLLILKQQGITSLQFQSLKEISAGNIYITDNSNLCYYHTINWTTLFSTINQRIVIRDNRKAENCTAEGMVCNH
LCSSDGCWGPGPDQCLS
;
_entity_poly.pdbx_strand_id   A
#
# COMPACT_ATOMS: atom_id res chain seq x y z
N GLN A 1 -2.58 -22.68 12.19
CA GLN A 1 -3.32 -21.41 12.38
C GLN A 1 -3.73 -20.70 11.06
N SER A 2 -5.04 -20.40 10.89
CA SER A 2 -5.55 -19.75 9.66
C SER A 2 -5.59 -18.24 9.75
N VAL A 3 -5.06 -17.58 8.73
CA VAL A 3 -4.91 -16.11 8.66
C VAL A 3 -5.75 -15.57 7.50
N CYS A 4 -6.23 -14.31 7.62
CA CYS A 4 -7.03 -13.62 6.60
C CYS A 4 -6.83 -12.13 6.71
N ALA A 5 -7.27 -11.39 5.71
CA ALA A 5 -7.16 -9.93 5.67
C ALA A 5 -8.50 -9.36 6.10
N GLY A 6 -8.47 -8.20 6.74
CA GLY A 6 -9.72 -7.55 7.10
C GLY A 6 -10.32 -6.72 5.99
N THR A 7 -11.17 -5.80 6.39
CA THR A 7 -11.83 -4.83 5.53
C THR A 7 -11.56 -3.46 6.11
N GLU A 8 -11.65 -2.42 5.27
CA GLU A 8 -11.49 -1.02 5.64
C GLU A 8 -12.69 -0.27 5.07
N ASN A 9 -13.91 -0.79 5.36
CA ASN A 9 -15.20 -0.27 4.84
C ASN A 9 -15.93 0.63 5.75
N LYS A 10 -15.68 0.48 7.06
CA LYS A 10 -16.33 1.24 8.13
C LYS A 10 -17.84 0.97 8.09
N LEU A 11 -18.67 2.01 7.89
CA LEU A 11 -20.13 1.85 7.91
C LEU A 11 -20.77 1.47 6.58
N SER A 12 -19.98 1.51 5.48
CA SER A 12 -20.43 1.17 4.14
C SER A 12 -20.87 -0.26 4.01
N SER A 13 -21.92 -0.46 3.25
CA SER A 13 -22.51 -1.79 3.07
C SER A 13 -23.00 -1.93 1.67
N LEU A 14 -23.26 -3.18 1.28
CA LEU A 14 -23.85 -3.52 0.00
C LEU A 14 -25.35 -3.24 0.16
N SER A 15 -26.00 -2.69 -0.88
CA SER A 15 -27.45 -2.40 -0.87
C SER A 15 -28.29 -3.66 -0.64
N ASP A 16 -27.87 -4.80 -1.24
CA ASP A 16 -28.55 -6.09 -1.04
C ASP A 16 -27.91 -6.62 0.23
N LEU A 17 -28.71 -6.66 1.31
CA LEU A 17 -28.21 -7.05 2.64
C LEU A 17 -27.86 -8.51 2.76
N GLU A 18 -28.40 -9.36 1.87
CA GLU A 18 -28.03 -10.78 1.79
C GLU A 18 -26.59 -10.85 1.26
N GLN A 19 -26.24 -9.97 0.31
CA GLN A 19 -24.88 -9.88 -0.21
C GLN A 19 -23.87 -9.35 0.82
N GLN A 20 -24.32 -8.44 1.69
CA GLN A 20 -23.50 -7.91 2.77
C GLN A 20 -23.14 -9.07 3.68
N TYR A 21 -24.10 -9.98 3.89
CA TYR A 21 -23.93 -11.18 4.71
C TYR A 21 -22.96 -12.19 4.06
N ARG A 22 -23.14 -12.46 2.73
CA ARG A 22 -22.31 -13.38 1.95
C ARG A 22 -20.88 -12.91 1.92
N ALA A 23 -20.66 -11.59 1.79
CA ALA A 23 -19.33 -10.97 1.83
C ALA A 23 -18.73 -11.22 3.20
N LEU A 24 -19.48 -10.96 4.29
CA LEU A 24 -19.00 -11.20 5.65
C LEU A 24 -18.53 -12.64 5.87
N ARG A 25 -19.33 -13.61 5.47
CA ARG A 25 -19.02 -15.03 5.58
C ARG A 25 -17.78 -15.39 4.75
N LYS A 26 -17.71 -14.88 3.50
CA LYS A 26 -16.59 -15.07 2.60
C LYS A 26 -15.28 -14.59 3.22
N TYR A 27 -15.25 -13.33 3.70
CA TYR A 27 -14.06 -12.72 4.29
C TYR A 27 -13.52 -13.41 5.52
N TYR A 28 -14.39 -13.82 6.44
CA TYR A 28 -13.99 -14.29 7.76
C TYR A 28 -14.16 -15.74 8.13
N GLU A 29 -15.01 -16.50 7.43
CA GLU A 29 -15.21 -17.93 7.76
C GLU A 29 -13.89 -18.67 7.74
N ASN A 30 -13.69 -19.60 8.71
CA ASN A 30 -12.49 -20.43 8.83
C ASN A 30 -11.21 -19.66 9.15
N CYS A 31 -11.29 -18.34 9.38
CA CYS A 31 -10.14 -17.47 9.71
C CYS A 31 -9.98 -17.36 11.23
N GLU A 32 -8.74 -17.51 11.74
CA GLU A 32 -8.44 -17.43 13.20
C GLU A 32 -7.73 -16.11 13.54
N VAL A 33 -6.88 -15.66 12.64
CA VAL A 33 -6.14 -14.45 12.83
C VAL A 33 -6.47 -13.49 11.72
N VAL A 34 -7.21 -12.42 12.07
CA VAL A 34 -7.56 -11.35 11.14
C VAL A 34 -6.38 -10.36 11.08
N MET A 35 -5.74 -10.28 9.92
CA MET A 35 -4.64 -9.34 9.68
C MET A 35 -5.33 -8.11 9.16
N GLY A 36 -5.74 -7.28 10.09
CA GLY A 36 -6.51 -6.10 9.80
C GLY A 36 -7.70 -5.99 10.72
N ASN A 37 -8.83 -5.49 10.20
CA ASN A 37 -10.06 -5.22 10.94
C ASN A 37 -11.17 -6.24 10.80
N LEU A 38 -11.99 -6.41 11.84
CA LEU A 38 -13.18 -7.28 11.78
C LEU A 38 -14.39 -6.32 11.83
N GLU A 39 -15.03 -6.10 10.66
CA GLU A 39 -16.19 -5.20 10.49
C GLU A 39 -17.43 -6.03 10.17
N ILE A 40 -18.37 -6.07 11.13
CA ILE A 40 -19.66 -6.73 11.09
C ILE A 40 -20.66 -5.56 11.15
N THR A 41 -21.22 -5.17 9.98
CA THR A 41 -22.15 -4.03 9.87
C THR A 41 -23.29 -4.41 8.96
N SER A 42 -24.49 -3.86 9.26
CA SER A 42 -25.74 -4.03 8.49
C SER A 42 -26.24 -5.46 8.24
N ILE A 43 -25.93 -6.39 9.17
CA ILE A 43 -26.36 -7.78 9.09
C ILE A 43 -27.75 -7.92 9.72
N GLU A 44 -28.69 -8.53 8.97
CA GLU A 44 -30.09 -8.78 9.30
C GLU A 44 -30.29 -9.73 10.48
N HIS A 45 -31.54 -9.79 11.00
CA HIS A 45 -31.93 -10.59 12.16
C HIS A 45 -31.69 -12.10 12.15
N ASN A 46 -32.17 -12.82 11.15
CA ASN A 46 -32.02 -14.27 11.23
C ASN A 46 -30.87 -14.82 10.40
N ARG A 47 -29.66 -14.39 10.74
CA ARG A 47 -28.47 -14.83 10.01
C ARG A 47 -27.57 -15.66 10.90
N ASP A 48 -26.98 -16.73 10.32
CA ASP A 48 -26.05 -17.60 11.03
C ASP A 48 -24.66 -16.96 11.09
N LEU A 49 -24.29 -16.48 12.27
CA LEU A 49 -22.99 -15.85 12.48
C LEU A 49 -22.02 -16.74 13.26
N SER A 50 -22.41 -17.98 13.55
CA SER A 50 -21.63 -18.97 14.29
C SER A 50 -20.23 -19.20 13.74
N PHE A 51 -20.01 -18.94 12.44
CA PHE A 51 -18.69 -19.06 11.80
C PHE A 51 -17.66 -18.10 12.44
N LEU A 52 -18.17 -17.06 13.16
CA LEU A 52 -17.27 -16.09 13.85
C LEU A 52 -16.52 -16.71 15.03
N ARG A 53 -16.84 -17.95 15.37
CA ARG A 53 -16.17 -18.73 16.41
C ARG A 53 -14.76 -19.14 16.02
N SER A 54 -14.43 -19.05 14.74
CA SER A 54 -13.08 -19.40 14.31
C SER A 54 -12.04 -18.36 14.76
N VAL A 55 -12.48 -17.10 14.92
CA VAL A 55 -11.63 -15.96 15.26
C VAL A 55 -11.08 -15.99 16.68
N ARG A 56 -9.74 -15.91 16.79
CA ARG A 56 -9.06 -15.86 18.08
C ARG A 56 -8.41 -14.51 18.26
N GLU A 57 -8.05 -13.85 17.16
CA GLU A 57 -7.32 -12.60 17.26
C GLU A 57 -7.59 -11.69 16.11
N VAL A 58 -7.68 -10.40 16.41
CA VAL A 58 -7.83 -9.31 15.43
C VAL A 58 -6.68 -8.33 15.69
N THR A 59 -5.90 -8.01 14.65
CA THR A 59 -4.75 -7.08 14.79
C THR A 59 -5.18 -5.60 14.80
N GLY A 60 -6.20 -5.27 13.98
CA GLY A 60 -6.73 -3.92 13.87
C GLY A 60 -7.85 -3.69 14.88
N TYR A 61 -9.04 -3.29 14.41
CA TYR A 61 -10.16 -3.06 15.31
C TYR A 61 -11.28 -4.01 15.05
N VAL A 62 -12.18 -4.14 16.05
CA VAL A 62 -13.43 -4.87 15.90
C VAL A 62 -14.54 -3.84 15.87
N LEU A 63 -15.27 -3.76 14.76
CA LEU A 63 -16.43 -2.87 14.57
C LEU A 63 -17.71 -3.71 14.40
N VAL A 64 -18.74 -3.48 15.27
CA VAL A 64 -20.05 -4.13 15.25
C VAL A 64 -21.08 -3.00 15.30
N ALA A 65 -21.64 -2.64 14.15
CA ALA A 65 -22.60 -1.53 14.06
C ALA A 65 -23.72 -1.76 13.07
N LEU A 66 -24.92 -1.23 13.39
CA LEU A 66 -26.14 -1.26 12.55
C LEU A 66 -26.64 -2.66 12.22
N ASN A 67 -26.36 -3.64 13.08
CA ASN A 67 -26.75 -5.03 12.88
C ASN A 67 -28.05 -5.32 13.59
N GLN A 68 -28.70 -6.45 13.28
CA GLN A 68 -30.01 -6.72 13.92
C GLN A 68 -30.10 -8.10 14.54
N PHE A 69 -29.01 -8.89 14.51
CA PHE A 69 -28.96 -10.24 15.08
C PHE A 69 -28.98 -10.24 16.63
N ARG A 70 -29.52 -11.30 17.26
CA ARG A 70 -29.67 -11.43 18.73
C ARG A 70 -28.33 -11.53 19.47
N TYR A 71 -27.43 -12.42 18.99
CA TYR A 71 -26.17 -12.82 19.60
C TYR A 71 -24.94 -12.63 18.70
N LEU A 72 -23.81 -12.17 19.29
CA LEU A 72 -22.54 -12.01 18.58
C LEU A 72 -21.63 -13.18 18.96
N PRO A 73 -21.55 -14.24 18.10
CA PRO A 73 -20.77 -15.43 18.46
C PRO A 73 -19.25 -15.38 18.30
N LEU A 74 -18.58 -14.47 18.99
CA LEU A 74 -17.11 -14.34 18.98
C LEU A 74 -16.44 -14.96 20.27
N GLU A 75 -16.90 -16.16 20.66
CA GLU A 75 -16.50 -16.85 21.91
C GLU A 75 -15.03 -17.26 22.03
N ASN A 76 -14.34 -17.34 20.88
CA ASN A 76 -12.92 -17.68 20.84
C ASN A 76 -11.99 -16.46 20.74
N LEU A 77 -12.54 -15.23 20.48
CA LEU A 77 -11.79 -13.98 20.38
C LEU A 77 -11.12 -13.64 21.70
N ARG A 78 -9.78 -13.74 21.71
CA ARG A 78 -8.91 -13.52 22.87
C ARG A 78 -8.32 -12.13 22.94
N ILE A 79 -7.96 -11.56 21.76
CA ILE A 79 -7.22 -10.31 21.68
C ILE A 79 -7.52 -9.41 20.46
N ILE A 80 -7.64 -8.08 20.74
CA ILE A 80 -7.72 -7.02 19.73
C ILE A 80 -6.43 -6.21 19.97
N ARG A 81 -5.51 -6.22 18.98
CA ARG A 81 -4.23 -5.50 19.13
C ARG A 81 -4.41 -4.03 19.02
N GLY A 82 -5.34 -3.59 18.15
CA GLY A 82 -5.61 -2.17 17.93
C GLY A 82 -4.49 -1.42 17.22
N THR A 83 -3.79 -2.10 16.27
CA THR A 83 -2.70 -1.59 15.41
C THR A 83 -3.26 -0.41 14.60
N LYS A 84 -4.47 -0.59 14.08
CA LYS A 84 -5.28 0.39 13.40
C LYS A 84 -6.48 0.51 14.29
N LEU A 85 -7.04 1.72 14.43
CA LEU A 85 -8.18 1.95 15.29
C LEU A 85 -9.36 2.56 14.52
N TYR A 86 -10.60 2.24 14.95
CA TYR A 86 -11.82 2.81 14.36
C TYR A 86 -11.91 4.26 14.74
N GLU A 87 -11.89 5.14 13.72
CA GLU A 87 -11.85 6.61 13.84
C GLU A 87 -10.60 7.04 14.55
N ASP A 88 -9.56 6.18 14.52
CA ASP A 88 -8.29 6.36 15.21
C ASP A 88 -8.48 6.48 16.71
N ARG A 89 -9.65 6.02 17.22
CA ARG A 89 -9.98 6.05 18.64
C ARG A 89 -10.22 4.67 19.27
N TYR A 90 -11.05 3.81 18.63
CA TYR A 90 -11.43 2.53 19.22
C TYR A 90 -10.90 1.25 18.64
N ALA A 91 -10.50 0.33 19.54
CA ALA A 91 -10.13 -1.03 19.15
C ALA A 91 -11.42 -1.88 19.07
N LEU A 92 -12.42 -1.56 19.94
CA LEU A 92 -13.71 -2.26 19.95
C LEU A 92 -14.83 -1.23 19.86
N ALA A 93 -15.67 -1.28 18.81
CA ALA A 93 -16.78 -0.31 18.70
C ALA A 93 -18.09 -1.02 18.41
N ILE A 94 -19.04 -1.02 19.40
CA ILE A 94 -20.35 -1.68 19.31
C ILE A 94 -21.48 -0.64 19.42
N PHE A 95 -22.12 -0.28 18.29
CA PHE A 95 -23.17 0.75 18.35
C PHE A 95 -24.27 0.64 17.32
N LEU A 96 -25.46 1.20 17.65
CA LEU A 96 -26.65 1.21 16.80
C LEU A 96 -27.11 -0.16 16.30
N ASN A 97 -26.84 -1.21 17.08
CA ASN A 97 -27.24 -2.57 16.68
C ASN A 97 -28.70 -2.87 17.03
N TYR A 98 -29.58 -2.12 16.38
CA TYR A 98 -31.03 -2.19 16.52
C TYR A 98 -31.67 -1.64 15.26
N ARG A 99 -32.90 -2.04 14.99
CA ARG A 99 -33.66 -1.54 13.86
C ARG A 99 -34.95 -0.96 14.42
N LYS A 100 -35.34 0.23 13.93
CA LYS A 100 -36.56 0.95 14.34
C LYS A 100 -37.83 0.18 13.97
N ASP A 101 -38.84 0.20 14.86
CA ASP A 101 -40.15 -0.47 14.71
C ASP A 101 -39.97 -1.95 14.31
N GLY A 102 -39.48 -2.69 15.30
CA GLY A 102 -39.17 -4.10 15.24
C GLY A 102 -38.31 -4.39 16.44
N ASN A 103 -38.75 -5.30 17.29
CA ASN A 103 -37.99 -5.64 18.48
C ASN A 103 -36.83 -6.58 18.12
N PHE A 104 -36.02 -6.10 17.14
CA PHE A 104 -34.83 -6.74 16.58
C PHE A 104 -33.58 -5.90 16.86
N GLY A 105 -32.60 -6.56 17.44
CA GLY A 105 -31.32 -5.97 17.77
C GLY A 105 -30.45 -6.88 18.62
N LEU A 106 -29.20 -6.45 18.83
CA LEU A 106 -28.18 -7.13 19.64
C LEU A 106 -28.61 -7.21 21.08
N GLN A 107 -28.64 -8.44 21.64
CA GLN A 107 -29.05 -8.72 23.01
C GLN A 107 -27.90 -9.07 23.95
N GLU A 108 -26.93 -9.87 23.49
CA GLU A 108 -25.76 -10.25 24.28
C GLU A 108 -24.51 -10.45 23.45
N LEU A 109 -23.36 -10.23 24.09
CA LEU A 109 -22.06 -10.35 23.48
C LEU A 109 -21.41 -11.67 23.90
N GLY A 110 -21.07 -12.48 22.92
CA GLY A 110 -20.37 -13.73 23.17
C GLY A 110 -18.89 -13.43 23.15
N LEU A 111 -18.38 -12.69 24.19
CA LEU A 111 -16.98 -12.27 24.28
C LEU A 111 -16.27 -12.74 25.55
N LYS A 112 -16.62 -13.91 26.05
CA LYS A 112 -16.08 -14.50 27.28
C LYS A 112 -14.57 -14.73 27.26
N ASN A 113 -13.98 -14.85 26.06
CA ASN A 113 -12.55 -15.07 25.98
C ASN A 113 -11.81 -13.77 25.69
N LEU A 114 -12.54 -12.64 25.48
CA LEU A 114 -11.89 -11.36 25.17
C LEU A 114 -11.30 -10.71 26.44
N THR A 115 -10.01 -10.94 26.68
CA THR A 115 -9.38 -10.39 27.88
C THR A 115 -8.25 -9.43 27.58
N GLU A 116 -7.95 -9.16 26.29
CA GLU A 116 -6.85 -8.27 25.93
C GLU A 116 -7.16 -7.33 24.77
N ILE A 117 -7.01 -6.01 25.03
CA ILE A 117 -7.13 -4.91 24.08
C ILE A 117 -5.83 -4.10 24.24
N LEU A 118 -4.81 -4.42 23.41
CA LEU A 118 -3.49 -3.79 23.48
C LEU A 118 -3.46 -2.30 23.26
N ASN A 119 -4.22 -1.77 22.27
CA ASN A 119 -4.25 -0.34 21.99
C ASN A 119 -5.64 0.08 21.61
N GLY A 120 -6.03 1.29 22.01
CA GLY A 120 -7.33 1.83 21.70
C GLY A 120 -8.32 1.72 22.83
N GLY A 121 -9.44 2.42 22.65
CA GLY A 121 -10.54 2.46 23.60
C GLY A 121 -11.67 1.52 23.23
N VAL A 122 -12.69 1.45 24.09
CA VAL A 122 -13.89 0.65 23.90
C VAL A 122 -15.08 1.59 23.87
N TYR A 123 -15.94 1.42 22.85
CA TYR A 123 -17.13 2.22 22.67
C TYR A 123 -18.34 1.32 22.46
N VAL A 124 -19.21 1.24 23.49
CA VAL A 124 -20.43 0.46 23.46
C VAL A 124 -21.56 1.45 23.72
N ASP A 125 -22.40 1.75 22.68
CA ASP A 125 -23.45 2.77 22.81
C ASP A 125 -24.65 2.53 21.93
N GLN A 126 -25.83 3.04 22.36
CA GLN A 126 -27.08 2.97 21.60
C GLN A 126 -27.43 1.56 21.03
N ASN A 127 -27.27 0.54 21.84
CA ASN A 127 -27.67 -0.80 21.45
C ASN A 127 -28.93 -1.06 22.30
N LYS A 128 -30.08 -0.71 21.72
CA LYS A 128 -31.40 -0.75 22.36
C LYS A 128 -31.63 -1.95 23.28
N PHE A 129 -31.41 -3.17 22.76
CA PHE A 129 -31.66 -4.43 23.46
C PHE A 129 -30.45 -5.13 24.11
N LEU A 130 -29.29 -4.47 24.16
CA LEU A 130 -28.08 -5.12 24.71
C LEU A 130 -28.12 -5.25 26.21
N CYS A 131 -27.86 -6.46 26.72
CA CYS A 131 -27.80 -6.71 28.14
C CYS A 131 -26.40 -7.14 28.55
N TYR A 132 -26.11 -7.08 29.87
CA TYR A 132 -24.89 -7.54 30.56
C TYR A 132 -23.58 -6.80 30.33
N ALA A 133 -23.33 -6.31 29.10
CA ALA A 133 -22.10 -5.59 28.73
C ALA A 133 -21.77 -4.37 29.63
N ASP A 134 -22.80 -3.82 30.27
CA ASP A 134 -22.71 -2.69 31.20
C ASP A 134 -22.08 -3.12 32.57
N THR A 135 -21.93 -4.44 32.80
CA THR A 135 -21.39 -5.00 34.04
C THR A 135 -19.92 -5.33 33.89
N ILE A 136 -19.41 -5.30 32.66
CA ILE A 136 -18.02 -5.60 32.29
C ILE A 136 -17.04 -4.53 32.78
N HIS A 137 -15.92 -4.99 33.36
CA HIS A 137 -14.84 -4.16 33.85
C HIS A 137 -13.84 -4.10 32.71
N TRP A 138 -14.06 -3.14 31.80
CA TRP A 138 -13.22 -2.91 30.61
C TRP A 138 -11.82 -2.51 31.01
N GLN A 139 -11.64 -2.01 32.28
CA GLN A 139 -10.37 -1.62 32.90
C GLN A 139 -9.43 -2.80 32.93
N ASP A 140 -9.94 -4.04 33.18
CA ASP A 140 -9.14 -5.26 33.18
C ASP A 140 -8.72 -5.65 31.78
N ILE A 141 -9.60 -5.43 30.80
CA ILE A 141 -9.35 -5.80 29.40
C ILE A 141 -8.36 -4.85 28.71
N VAL A 142 -8.68 -3.55 28.71
CA VAL A 142 -7.94 -2.48 28.07
C VAL A 142 -6.67 -2.30 28.83
N ARG A 143 -5.55 -2.44 28.16
CA ARG A 143 -4.25 -2.36 28.81
C ARG A 143 -3.86 -0.93 29.23
N ASN A 144 -4.22 0.08 28.41
CA ASN A 144 -3.94 1.49 28.72
C ASN A 144 -4.98 1.97 29.74
N PRO A 145 -4.59 2.29 31.01
CA PRO A 145 -5.59 2.71 32.02
C PRO A 145 -6.25 4.06 31.75
N SER A 159 -32.79 -1.61 27.93
CA SER A 159 -34.11 -1.60 28.56
C SER A 159 -34.08 -2.46 29.85
N GLY A 160 -35.17 -3.20 30.15
CA GLY A 160 -35.25 -4.11 31.28
C GLY A 160 -34.41 -5.35 30.99
N CYS A 161 -33.30 -5.53 31.73
CA CYS A 161 -32.31 -6.60 31.52
C CYS A 161 -32.22 -7.66 32.61
N GLY A 162 -31.73 -8.84 32.22
CA GLY A 162 -31.44 -9.95 33.11
C GLY A 162 -30.26 -9.65 34.00
N ARG A 163 -30.15 -10.41 35.09
CA ARG A 163 -29.12 -10.26 36.11
C ARG A 163 -27.98 -11.28 35.85
N CYS A 164 -26.75 -10.93 36.24
CA CYS A 164 -25.59 -11.83 36.16
C CYS A 164 -25.84 -12.97 37.15
N HIS A 165 -25.28 -14.14 36.89
CA HIS A 165 -25.39 -15.30 37.78
C HIS A 165 -24.63 -15.00 39.10
N LYS A 166 -25.12 -15.55 40.22
CA LYS A 166 -24.58 -15.39 41.58
C LYS A 166 -23.04 -15.50 41.64
N SER A 167 -22.47 -16.48 40.90
CA SER A 167 -21.04 -16.78 40.84
C SER A 167 -20.21 -15.72 40.13
N CYS A 168 -20.84 -14.97 39.21
CA CYS A 168 -20.13 -13.97 38.40
C CYS A 168 -19.69 -12.75 39.14
N THR A 169 -20.13 -12.60 40.41
CA THR A 169 -19.82 -11.47 41.31
C THR A 169 -20.10 -10.09 40.66
N GLY A 170 -21.27 -10.00 39.98
CA GLY A 170 -21.75 -8.80 39.29
C GLY A 170 -20.99 -8.38 38.03
N ARG A 171 -20.21 -9.29 37.42
CA ARG A 171 -19.43 -9.02 36.20
C ARG A 171 -19.63 -10.20 35.25
N CYS A 172 -20.36 -9.97 34.12
CA CYS A 172 -20.72 -11.03 33.16
C CYS A 172 -21.07 -10.55 31.74
N TRP A 173 -21.03 -11.48 30.79
CA TRP A 173 -21.38 -11.26 29.37
C TRP A 173 -22.81 -11.75 29.02
N GLY A 174 -23.30 -12.73 29.78
CA GLY A 174 -24.60 -13.37 29.60
C GLY A 174 -25.24 -13.78 30.92
N PRO A 175 -26.32 -14.59 30.94
CA PRO A 175 -27.00 -14.84 32.22
C PRO A 175 -26.59 -16.03 33.07
N THR A 176 -25.79 -16.95 32.53
CA THR A 176 -25.43 -18.16 33.27
C THR A 176 -24.11 -18.15 34.01
N GLU A 177 -23.95 -19.18 34.87
CA GLU A 177 -22.77 -19.51 35.66
C GLU A 177 -21.54 -19.59 34.72
N ASN A 178 -21.77 -19.92 33.43
CA ASN A 178 -20.71 -20.02 32.42
C ASN A 178 -20.58 -18.78 31.51
N HIS A 179 -20.97 -17.57 31.99
CA HIS A 179 -20.89 -16.31 31.23
C HIS A 179 -20.17 -15.19 31.99
N CYS A 180 -19.55 -15.52 33.12
CA CYS A 180 -18.83 -14.60 33.98
C CYS A 180 -17.62 -13.99 33.26
N GLN A 181 -17.25 -12.77 33.64
CA GLN A 181 -16.07 -12.18 33.07
C GLN A 181 -14.85 -12.75 33.83
N THR A 182 -13.85 -13.26 33.09
CA THR A 182 -12.63 -13.78 33.68
C THR A 182 -11.66 -12.60 33.78
N LEU A 183 -11.33 -12.19 35.03
CA LEU A 183 -10.36 -11.11 35.28
C LEU A 183 -8.98 -11.71 35.35
N THR A 184 -8.04 -11.11 34.61
CA THR A 184 -6.67 -11.59 34.46
C THR A 184 -5.62 -10.55 34.82
N ARG A 185 -6.02 -9.31 35.16
CA ARG A 185 -5.03 -8.29 35.54
C ARG A 185 -5.28 -7.60 36.87
N THR A 186 -6.53 -7.18 37.15
CA THR A 186 -6.91 -6.43 38.36
C THR A 186 -6.98 -7.30 39.62
N VAL A 187 -6.89 -8.63 39.45
CA VAL A 187 -7.00 -9.62 40.54
C VAL A 187 -5.66 -10.22 40.89
N CYS A 188 -4.59 -9.71 40.29
CA CYS A 188 -3.24 -10.19 40.42
C CYS A 188 -2.52 -9.69 41.65
N ALA A 189 -1.41 -10.39 42.02
CA ALA A 189 -0.49 -10.01 43.08
C ALA A 189 0.29 -8.79 42.52
N GLU A 190 0.74 -7.86 43.40
CA GLU A 190 1.46 -6.63 43.03
C GLU A 190 2.72 -6.92 42.21
N GLN A 191 3.36 -8.03 42.53
CA GLN A 191 4.60 -8.50 41.92
C GLN A 191 4.49 -8.78 40.41
N CYS A 192 3.26 -9.07 39.87
CA CYS A 192 3.07 -9.41 38.46
C CYS A 192 3.43 -8.29 37.47
N ASP A 193 4.29 -8.64 36.50
CA ASP A 193 4.74 -7.82 35.37
C ASP A 193 3.57 -7.59 34.35
N GLY A 194 2.61 -8.52 34.33
CA GLY A 194 1.47 -8.44 33.45
C GLY A 194 0.22 -9.04 34.05
N ARG A 195 -0.26 -10.11 33.39
CA ARG A 195 -1.47 -10.85 33.71
C ARG A 195 -1.18 -12.03 34.62
N CYS A 196 -2.24 -12.66 35.13
CA CYS A 196 -2.14 -13.79 36.06
C CYS A 196 -3.26 -14.82 35.79
N TYR A 197 -3.15 -16.04 36.37
CA TYR A 197 -4.19 -17.06 36.23
C TYR A 197 -4.93 -17.31 37.54
N GLY A 198 -4.43 -16.70 38.62
CA GLY A 198 -4.99 -16.75 39.97
C GLY A 198 -4.52 -15.55 40.79
N PRO A 199 -4.87 -15.48 42.12
CA PRO A 199 -4.49 -14.30 42.89
C PRO A 199 -3.20 -14.41 43.72
N TYR A 200 -2.48 -15.56 43.64
CA TYR A 200 -1.23 -15.77 44.39
C TYR A 200 -0.01 -15.30 43.61
N VAL A 201 1.14 -15.14 44.30
CA VAL A 201 2.41 -14.69 43.71
C VAL A 201 2.93 -15.67 42.63
N SER A 202 2.68 -16.98 42.83
CA SER A 202 3.06 -18.05 41.89
C SER A 202 2.15 -18.11 40.64
N ASP A 203 1.08 -17.28 40.61
CA ASP A 203 0.12 -17.27 39.52
C ASP A 203 0.37 -16.23 38.42
N CYS A 204 1.49 -15.47 38.50
CA CYS A 204 1.82 -14.46 37.49
C CYS A 204 2.23 -15.14 36.19
N CYS A 205 1.76 -14.58 35.08
CA CYS A 205 2.11 -15.01 33.75
C CYS A 205 3.49 -14.45 33.44
N HIS A 206 4.14 -15.05 32.41
CA HIS A 206 5.38 -14.54 31.86
C HIS A 206 4.99 -13.16 31.29
N ARG A 207 5.85 -12.14 31.49
CA ARG A 207 5.59 -10.75 31.03
C ARG A 207 5.16 -10.61 29.53
N GLU A 208 5.48 -11.63 28.70
CA GLU A 208 5.17 -11.67 27.28
C GLU A 208 3.83 -12.27 26.98
N CYS A 209 3.10 -12.73 28.00
CA CYS A 209 1.78 -13.29 27.81
C CYS A 209 0.75 -12.21 27.70
N ALA A 210 -0.07 -12.25 26.63
CA ALA A 210 -1.23 -11.37 26.46
C ALA A 210 -2.49 -12.23 26.73
N GLY A 211 -3.56 -11.59 27.20
CA GLY A 211 -4.82 -12.27 27.50
C GLY A 211 -4.87 -12.97 28.85
N GLY A 212 -3.80 -13.69 29.15
CA GLY A 212 -3.59 -14.49 30.35
C GLY A 212 -2.68 -15.66 30.03
N CYS A 213 -2.72 -16.68 30.88
CA CYS A 213 -1.91 -17.91 30.76
C CYS A 213 -2.50 -19.11 31.52
N SER A 214 -1.95 -20.31 31.22
CA SER A 214 -2.26 -21.60 31.86
C SER A 214 -1.12 -22.08 32.81
N GLY A 215 0.01 -21.36 32.77
CA GLY A 215 1.20 -21.63 33.56
C GLY A 215 2.17 -20.46 33.56
N PRO A 216 3.39 -20.60 34.12
CA PRO A 216 4.31 -19.45 34.20
C PRO A 216 5.29 -19.21 33.06
N LYS A 217 5.34 -20.13 32.07
CA LYS A 217 6.31 -20.07 30.98
C LYS A 217 5.78 -19.29 29.82
N ASP A 218 6.70 -18.70 28.99
CA ASP A 218 6.37 -17.97 27.76
C ASP A 218 5.69 -18.83 26.67
N THR A 219 5.65 -20.15 26.90
CA THR A 219 4.95 -21.13 26.03
C THR A 219 3.54 -21.46 26.59
N ASP A 220 3.12 -20.85 27.73
CA ASP A 220 1.84 -21.09 28.40
C ASP A 220 0.83 -19.94 28.20
N CYS A 221 1.13 -18.97 27.34
CA CYS A 221 0.29 -17.81 27.09
C CYS A 221 -1.01 -18.17 26.36
N PHE A 222 -2.03 -17.26 26.43
CA PHE A 222 -3.27 -17.39 25.66
C PHE A 222 -3.01 -16.79 24.30
N ALA A 223 -2.27 -15.66 24.31
CA ALA A 223 -1.87 -14.84 23.17
C ALA A 223 -0.49 -14.21 23.53
N CYS A 224 0.21 -13.62 22.54
CA CYS A 224 1.52 -12.97 22.73
C CYS A 224 1.37 -11.45 22.74
N MET A 225 2.18 -10.81 23.56
CA MET A 225 2.23 -9.35 23.69
C MET A 225 2.87 -8.74 22.47
N ASN A 226 3.81 -9.48 21.85
CA ASN A 226 4.57 -9.00 20.73
C ASN A 226 4.59 -9.98 19.58
N PHE A 227 5.51 -10.99 19.64
CA PHE A 227 5.67 -11.97 18.57
C PHE A 227 5.61 -13.39 19.11
N ASN A 228 5.21 -14.32 18.27
CA ASN A 228 5.12 -15.74 18.55
C ASN A 228 6.14 -16.46 17.70
N ASP A 229 7.15 -17.02 18.37
CA ASP A 229 8.21 -17.79 17.76
C ASP A 229 8.07 -19.26 18.18
N SER A 230 7.35 -20.06 17.37
CA SER A 230 7.09 -21.51 17.55
C SER A 230 6.43 -21.86 18.88
N GLY A 231 5.35 -21.15 19.19
CA GLY A 231 4.60 -21.39 20.41
C GLY A 231 5.02 -20.54 21.59
N ALA A 232 6.26 -20.01 21.56
CA ALA A 232 6.84 -19.14 22.61
C ALA A 232 6.58 -17.66 22.34
N CYS A 233 6.19 -16.93 23.38
CA CYS A 233 5.97 -15.49 23.23
C CYS A 233 7.24 -14.73 23.54
N VAL A 234 7.85 -14.17 22.47
CA VAL A 234 9.12 -13.44 22.50
C VAL A 234 8.92 -11.95 22.27
N THR A 235 9.89 -11.13 22.71
CA THR A 235 9.89 -9.67 22.56
C THR A 235 10.09 -9.29 21.09
N GLN A 236 10.99 -10.00 20.42
CA GLN A 236 11.35 -9.80 19.03
C GLN A 236 11.65 -11.13 18.40
N CYS A 237 11.55 -11.24 17.07
CA CYS A 237 11.85 -12.47 16.36
C CYS A 237 13.35 -12.78 16.36
N PRO A 238 13.74 -14.08 16.31
CA PRO A 238 15.17 -14.42 16.27
C PRO A 238 15.85 -13.75 15.07
N GLN A 239 16.89 -12.96 15.36
CA GLN A 239 17.67 -12.17 14.41
C GLN A 239 18.60 -13.02 13.54
N THR A 240 19.03 -12.48 12.36
CA THR A 240 19.94 -13.15 11.40
C THR A 240 21.26 -13.51 12.04
N PHE A 241 21.75 -12.63 12.90
CA PHE A 241 22.98 -12.83 13.64
C PHE A 241 22.72 -12.66 15.13
N VAL A 242 23.22 -13.59 15.91
CA VAL A 242 23.05 -13.62 17.37
C VAL A 242 24.40 -13.52 17.99
N TYR A 243 24.55 -12.64 19.01
CA TYR A 243 25.82 -12.48 19.70
C TYR A 243 26.24 -13.72 20.48
N ASN A 244 27.54 -14.03 20.44
CA ASN A 244 28.14 -15.14 21.17
C ASN A 244 29.11 -14.56 22.21
N PRO A 245 28.72 -14.58 23.51
CA PRO A 245 29.56 -13.97 24.55
C PRO A 245 30.92 -14.63 24.76
N THR A 246 31.10 -15.86 24.26
CA THR A 246 32.34 -16.62 24.38
C THR A 246 33.31 -16.28 23.21
N THR A 247 32.80 -16.28 21.97
CA THR A 247 33.60 -16.04 20.76
C THR A 247 33.74 -14.55 20.40
N PHE A 248 32.90 -13.68 21.00
CA PHE A 248 32.83 -12.21 20.81
C PHE A 248 32.49 -11.77 19.39
N GLN A 249 31.76 -12.63 18.67
CA GLN A 249 31.34 -12.38 17.30
C GLN A 249 29.86 -12.65 17.14
N LEU A 250 29.27 -12.08 16.09
CA LEU A 250 27.87 -12.28 15.77
C LEU A 250 27.78 -13.51 14.86
N GLU A 251 27.38 -14.65 15.43
CA GLU A 251 27.28 -15.90 14.70
C GLU A 251 25.98 -15.95 13.90
N HIS A 252 25.99 -16.64 12.74
CA HIS A 252 24.81 -16.81 11.89
C HIS A 252 23.77 -17.63 12.63
N ASN A 253 22.53 -17.11 12.71
CA ASN A 253 21.42 -17.78 13.39
C ASN A 253 20.60 -18.56 12.38
N PHE A 254 20.56 -19.90 12.54
CA PHE A 254 19.80 -20.82 11.67
C PHE A 254 18.30 -20.67 11.93
N ASN A 255 17.96 -20.30 13.18
CA ASN A 255 16.60 -20.09 13.68
C ASN A 255 16.04 -18.71 13.33
N ALA A 256 16.80 -17.85 12.59
CA ALA A 256 16.38 -16.50 12.18
C ALA A 256 15.06 -16.50 11.47
N LYS A 257 14.17 -15.58 11.89
CA LYS A 257 12.83 -15.46 11.36
C LYS A 257 12.44 -14.02 11.12
N TYR A 258 11.60 -13.82 10.11
CA TYR A 258 11.01 -12.53 9.76
C TYR A 258 9.71 -12.37 10.57
N THR A 259 9.28 -11.12 10.74
CA THR A 259 8.06 -10.80 11.46
C THR A 259 6.89 -10.62 10.48
N TYR A 260 5.81 -11.40 10.69
CA TYR A 260 4.58 -11.37 9.90
C TYR A 260 3.47 -11.09 10.91
N GLY A 261 3.26 -9.81 11.16
CA GLY A 261 2.29 -9.37 12.14
C GLY A 261 2.83 -9.68 13.52
N ALA A 262 2.15 -10.55 14.25
CA ALA A 262 2.57 -11.02 15.57
C ALA A 262 3.18 -12.43 15.48
N PHE A 263 3.55 -12.86 14.28
CA PHE A 263 4.19 -14.14 14.04
C PHE A 263 5.64 -13.97 13.62
N CYS A 264 6.48 -15.00 13.91
CA CYS A 264 7.87 -15.14 13.48
C CYS A 264 7.84 -16.28 12.48
N VAL A 265 8.24 -15.97 11.23
CA VAL A 265 8.21 -16.92 10.11
C VAL A 265 9.58 -17.12 9.44
N LYS A 266 9.91 -18.36 9.08
CA LYS A 266 11.15 -18.63 8.36
C LYS A 266 11.02 -18.08 6.92
N LYS A 267 9.80 -18.20 6.36
CA LYS A 267 9.47 -17.76 5.02
C LYS A 267 8.22 -16.87 5.02
N CYS A 268 8.30 -15.72 4.35
CA CYS A 268 7.18 -14.77 4.19
C CYS A 268 6.07 -15.48 3.37
N PRO A 269 4.77 -15.07 3.45
CA PRO A 269 3.74 -15.71 2.60
C PRO A 269 4.02 -15.40 1.11
N HIS A 270 3.38 -16.15 0.16
CA HIS A 270 3.61 -15.94 -1.28
C HIS A 270 3.37 -14.49 -1.75
N ASN A 271 4.27 -13.99 -2.66
CA ASN A 271 4.25 -12.63 -3.25
C ASN A 271 4.56 -11.44 -2.31
N PHE A 272 4.89 -11.73 -1.03
CA PHE A 272 5.23 -10.75 0.00
C PHE A 272 6.71 -10.41 -0.11
N VAL A 273 7.09 -9.21 0.38
CA VAL A 273 8.47 -8.73 0.32
C VAL A 273 9.03 -8.50 1.72
N VAL A 274 10.36 -8.48 1.85
CA VAL A 274 11.04 -8.26 3.13
C VAL A 274 11.44 -6.80 3.29
N ASP A 275 10.77 -6.09 4.20
CA ASP A 275 11.13 -4.72 4.53
C ASP A 275 11.63 -4.67 5.99
N SER A 276 12.94 -4.41 6.22
CA SER A 276 13.54 -4.31 7.56
C SER A 276 13.10 -5.48 8.48
N SER A 277 13.50 -6.73 8.09
CA SER A 277 13.19 -8.00 8.77
C SER A 277 11.69 -8.39 8.87
N SER A 278 10.79 -7.60 8.24
CA SER A 278 9.36 -7.84 8.29
C SER A 278 8.73 -8.26 6.97
N CYS A 279 7.65 -9.10 7.03
CA CYS A 279 6.92 -9.53 5.84
C CYS A 279 5.84 -8.51 5.54
N VAL A 280 5.88 -7.88 4.37
CA VAL A 280 4.88 -6.89 3.96
C VAL A 280 4.32 -7.22 2.59
N ARG A 281 3.05 -6.82 2.32
CA ARG A 281 2.34 -6.98 1.04
C ARG A 281 3.13 -6.31 -0.11
N ALA A 282 3.67 -5.08 0.14
CA ALA A 282 4.48 -4.32 -0.82
C ALA A 282 5.42 -3.32 -0.12
N CYS A 283 6.55 -2.98 -0.77
CA CYS A 283 7.57 -2.04 -0.32
C CYS A 283 6.99 -0.69 0.07
N PRO A 284 7.52 -0.03 1.15
CA PRO A 284 6.97 1.27 1.54
C PRO A 284 7.43 2.38 0.60
N SER A 285 6.80 3.58 0.69
CA SER A 285 7.15 4.74 -0.13
C SER A 285 8.65 5.00 0.03
N SER A 286 9.31 5.41 -1.07
CA SER A 286 10.76 5.67 -1.16
C SER A 286 11.70 4.42 -1.08
N LYS A 287 11.09 3.22 -1.02
CA LYS A 287 11.78 1.92 -1.04
C LYS A 287 11.37 1.16 -2.32
N MET A 288 12.23 0.27 -2.81
CA MET A 288 11.96 -0.50 -4.04
C MET A 288 12.25 -2.00 -3.88
N GLU A 289 11.47 -2.85 -4.61
CA GLU A 289 11.63 -4.30 -4.64
C GLU A 289 12.96 -4.64 -5.34
N VAL A 290 13.68 -5.69 -4.88
CA VAL A 290 14.98 -6.08 -5.46
C VAL A 290 15.18 -7.61 -5.54
N LYS A 296 13.14 -11.40 -2.56
CA LYS A 296 12.42 -10.14 -2.76
C LYS A 296 12.52 -9.27 -1.50
N MET A 297 13.38 -8.25 -1.56
CA MET A 297 13.65 -7.33 -0.45
C MET A 297 13.33 -5.88 -0.80
N CYS A 298 13.24 -4.99 0.21
CA CYS A 298 13.03 -3.56 0.04
C CYS A 298 14.32 -2.79 0.34
N LYS A 299 14.93 -2.23 -0.72
CA LYS A 299 16.16 -1.43 -0.67
C LYS A 299 15.75 0.05 -0.92
N PRO A 300 16.42 1.09 -0.31
CA PRO A 300 16.05 2.48 -0.63
C PRO A 300 16.36 2.77 -2.10
N CYS A 301 15.53 3.59 -2.73
CA CYS A 301 15.65 3.88 -4.16
C CYS A 301 16.96 4.51 -4.64
N THR A 302 17.56 3.88 -5.70
CA THR A 302 18.81 4.28 -6.36
C THR A 302 18.54 5.61 -7.07
N ASP A 303 17.52 5.61 -7.97
CA ASP A 303 17.04 6.75 -8.75
C ASP A 303 15.66 7.15 -8.16
N ILE A 304 14.71 7.60 -9.03
CA ILE A 304 13.33 7.91 -8.64
C ILE A 304 12.70 6.49 -8.56
N CYS A 305 11.99 6.16 -7.46
CA CYS A 305 11.40 4.83 -7.28
C CYS A 305 10.72 4.25 -8.54
N PRO A 306 10.99 2.96 -8.89
CA PRO A 306 10.42 2.42 -10.14
C PRO A 306 8.90 2.37 -10.15
N LYS A 307 8.29 2.86 -11.23
CA LYS A 307 6.84 2.83 -11.43
C LYS A 307 6.55 2.66 -12.91
N ALA A 308 6.18 1.43 -13.32
CA ALA A 308 5.86 1.11 -14.71
C ALA A 308 4.45 1.61 -15.01
N CYS A 309 4.29 2.23 -16.17
CA CYS A 309 3.01 2.80 -16.61
C CYS A 309 2.68 2.41 -18.01
N ASP A 310 1.38 2.40 -18.33
CA ASP A 310 0.88 2.12 -19.66
C ASP A 310 0.99 3.39 -20.47
N GLY A 311 1.53 3.25 -21.66
CA GLY A 311 1.67 4.32 -22.64
C GLY A 311 0.47 4.35 -23.55
N ILE A 312 0.50 5.24 -24.54
CA ILE A 312 -0.58 5.39 -25.52
C ILE A 312 -0.73 4.11 -26.37
N GLY A 313 -1.89 3.46 -26.27
CA GLY A 313 -2.19 2.23 -27.01
C GLY A 313 -1.89 0.94 -26.27
N THR A 314 -1.71 1.03 -24.93
CA THR A 314 -1.41 -0.10 -24.06
C THR A 314 -2.34 -0.11 -22.84
N GLY A 315 -2.94 -1.27 -22.57
CA GLY A 315 -3.83 -1.54 -21.44
C GLY A 315 -4.87 -0.45 -21.22
N SER A 316 -4.73 0.29 -20.09
CA SER A 316 -5.64 1.38 -19.69
C SER A 316 -5.81 2.45 -20.75
N LEU A 317 -4.75 2.69 -21.55
CA LEU A 317 -4.73 3.69 -22.62
C LEU A 317 -4.74 3.08 -24.02
N MET A 318 -5.30 1.87 -24.18
CA MET A 318 -5.39 1.16 -25.46
C MET A 318 -6.06 2.00 -26.57
N SER A 319 -7.19 2.63 -26.23
CA SER A 319 -8.02 3.44 -27.10
C SER A 319 -7.52 4.88 -27.30
N ALA A 320 -6.53 5.29 -26.50
CA ALA A 320 -5.98 6.64 -26.59
C ALA A 320 -5.08 6.76 -27.81
N GLN A 321 -5.08 7.95 -28.47
CA GLN A 321 -4.30 8.23 -29.69
C GLN A 321 -3.17 9.26 -29.51
N THR A 322 -3.33 10.14 -28.50
CA THR A 322 -2.44 11.24 -28.14
C THR A 322 -2.45 11.47 -26.64
N VAL A 323 -1.45 12.20 -26.13
CA VAL A 323 -1.45 12.58 -24.72
C VAL A 323 -2.30 13.82 -24.74
N ASP A 324 -3.28 13.89 -23.83
CA ASP A 324 -4.19 15.02 -23.72
C ASP A 324 -4.56 15.28 -22.25
N SER A 325 -5.35 16.35 -22.03
CA SER A 325 -5.84 16.79 -20.72
C SER A 325 -6.58 15.70 -19.95
N SER A 326 -7.33 14.83 -20.68
CA SER A 326 -8.11 13.73 -20.10
C SER A 326 -7.29 12.50 -19.71
N ASN A 327 -6.00 12.45 -20.10
CA ASN A 327 -5.15 11.30 -19.79
C ASN A 327 -3.78 11.61 -19.17
N ILE A 328 -3.36 12.89 -19.19
CA ILE A 328 -2.08 13.34 -18.65
C ILE A 328 -1.74 12.79 -17.24
N ASP A 329 -2.70 12.82 -16.34
CA ASP A 329 -2.61 12.40 -14.94
C ASP A 329 -2.31 10.92 -14.73
N LYS A 330 -2.54 10.09 -15.77
CA LYS A 330 -2.26 8.66 -15.77
C LYS A 330 -0.75 8.45 -15.78
N PHE A 331 0.01 9.51 -16.12
CA PHE A 331 1.47 9.53 -16.19
C PHE A 331 2.17 10.12 -14.97
N ILE A 332 1.45 10.35 -13.85
CA ILE A 332 2.05 10.90 -12.63
C ILE A 332 2.95 9.87 -11.94
N ASN A 333 4.24 10.20 -11.80
CA ASN A 333 5.28 9.39 -11.14
C ASN A 333 5.78 8.17 -11.93
N CYS A 334 5.43 8.06 -13.21
CA CYS A 334 5.88 6.96 -14.06
C CYS A 334 7.34 7.13 -14.39
N THR A 335 8.11 6.05 -14.26
CA THR A 335 9.52 6.03 -14.58
C THR A 335 9.73 5.26 -15.88
N LYS A 336 8.92 4.22 -16.11
CA LYS A 336 8.96 3.39 -17.30
C LYS A 336 7.62 3.43 -18.03
N ILE A 337 7.63 3.73 -19.32
CA ILE A 337 6.41 3.71 -20.10
C ILE A 337 6.31 2.47 -20.97
N ASN A 338 5.34 1.63 -20.64
CA ASN A 338 5.05 0.41 -21.39
C ASN A 338 4.15 0.82 -22.54
N GLY A 339 4.80 1.10 -23.66
CA GLY A 339 4.15 1.54 -24.88
C GLY A 339 4.81 2.77 -25.45
N ASN A 340 3.98 3.62 -26.08
CA ASN A 340 4.43 4.83 -26.76
C ASN A 340 4.07 6.11 -26.00
N LEU A 341 4.60 7.25 -26.44
CA LEU A 341 4.22 8.56 -25.96
C LEU A 341 4.00 9.38 -27.20
N ILE A 342 2.75 9.75 -27.45
CA ILE A 342 2.36 10.41 -28.68
C ILE A 342 1.70 11.72 -28.37
N PHE A 343 2.18 12.78 -29.04
CA PHE A 343 1.66 14.12 -28.88
C PHE A 343 1.18 14.64 -30.25
N LEU A 344 -0.15 14.71 -30.43
CA LEU A 344 -0.82 15.18 -31.65
C LEU A 344 -1.40 16.56 -31.44
N VAL A 345 -1.88 17.17 -32.53
CA VAL A 345 -2.47 18.50 -32.56
C VAL A 345 -3.74 18.50 -31.71
N THR A 346 -4.54 17.41 -31.77
CA THR A 346 -5.79 17.26 -30.99
C THR A 346 -5.49 17.21 -29.48
N GLY A 347 -4.30 16.70 -29.14
CA GLY A 347 -3.88 16.56 -27.76
C GLY A 347 -3.30 17.82 -27.18
N ILE A 348 -2.42 18.49 -27.95
CA ILE A 348 -1.77 19.74 -27.51
C ILE A 348 -2.77 20.90 -27.53
N HIS A 349 -3.52 21.04 -28.65
CA HIS A 349 -4.46 22.13 -28.92
C HIS A 349 -5.93 21.88 -28.57
N GLY A 350 -6.24 20.67 -28.11
CA GLY A 350 -7.59 20.31 -27.75
C GLY A 350 -8.39 19.76 -28.91
N ASP A 351 -9.42 18.95 -28.60
CA ASP A 351 -10.34 18.34 -29.56
C ASP A 351 -11.65 19.13 -29.50
N PRO A 352 -11.89 20.04 -30.48
CA PRO A 352 -13.16 20.79 -30.47
C PRO A 352 -14.35 19.88 -30.72
N TYR A 353 -14.15 18.78 -31.49
CA TYR A 353 -15.23 17.83 -31.80
C TYR A 353 -15.74 16.96 -30.62
N ASN A 354 -15.06 17.05 -29.47
CA ASN A 354 -15.41 16.47 -28.16
C ASN A 354 -15.32 17.67 -27.18
N ALA A 355 -15.27 17.43 -25.86
CA ALA A 355 -15.16 18.50 -24.88
C ALA A 355 -13.72 18.60 -24.38
N ILE A 356 -12.79 17.88 -25.04
CA ILE A 356 -11.38 17.85 -24.66
C ILE A 356 -10.67 19.17 -24.96
N GLU A 357 -10.48 19.99 -23.91
CA GLU A 357 -9.79 21.27 -24.06
C GLU A 357 -8.27 21.08 -24.20
N ALA A 358 -7.55 22.12 -24.69
CA ALA A 358 -6.10 22.13 -24.88
C ALA A 358 -5.35 21.79 -23.59
N ILE A 359 -4.17 21.19 -23.72
CA ILE A 359 -3.36 20.81 -22.59
C ILE A 359 -2.75 22.04 -21.88
N ASP A 360 -2.71 22.01 -20.52
CA ASP A 360 -2.01 23.03 -19.73
C ASP A 360 -0.57 22.63 -20.00
N PRO A 361 0.22 23.43 -20.74
CA PRO A 361 1.59 23.01 -21.06
C PRO A 361 2.47 22.68 -19.85
N GLU A 362 2.15 23.27 -18.69
CA GLU A 362 2.81 23.04 -17.41
C GLU A 362 2.56 21.61 -16.91
N LYS A 363 1.44 20.98 -17.34
CA LYS A 363 1.11 19.62 -16.96
C LYS A 363 2.05 18.58 -17.60
N LEU A 364 2.77 18.97 -18.67
CA LEU A 364 3.75 18.12 -19.37
C LEU A 364 4.98 17.88 -18.51
N ASN A 365 5.09 18.62 -17.40
CA ASN A 365 6.18 18.49 -16.44
C ASN A 365 6.13 17.16 -15.76
N VAL A 366 4.99 16.49 -15.87
CA VAL A 366 4.74 15.19 -15.30
C VAL A 366 5.68 14.09 -15.86
N PHE A 367 6.26 14.30 -17.07
CA PHE A 367 7.17 13.37 -17.73
C PHE A 367 8.62 13.44 -17.21
N ARG A 368 8.90 14.37 -16.28
CA ARG A 368 10.24 14.58 -15.68
C ARG A 368 10.71 13.41 -14.82
N THR A 369 9.82 12.44 -14.60
CA THR A 369 10.11 11.23 -13.82
C THR A 369 10.41 10.04 -14.72
N VAL A 370 9.96 10.12 -16.00
CA VAL A 370 10.15 9.11 -17.04
C VAL A 370 11.64 8.97 -17.43
N ARG A 371 12.15 7.75 -17.26
CA ARG A 371 13.51 7.29 -17.51
C ARG A 371 13.55 6.40 -18.78
N GLU A 372 12.45 5.76 -19.09
CA GLU A 372 12.35 4.84 -20.21
C GLU A 372 10.96 4.88 -20.86
N ILE A 373 10.93 4.72 -22.21
CA ILE A 373 9.76 4.59 -23.07
C ILE A 373 10.08 3.34 -23.91
N THR A 374 9.32 2.24 -23.75
CA THR A 374 9.60 0.97 -24.47
C THR A 374 9.35 1.03 -25.99
N GLY A 375 8.30 1.74 -26.41
CA GLY A 375 7.93 1.89 -27.81
C GLY A 375 8.58 3.11 -28.44
N PHE A 376 7.76 4.00 -29.01
CA PHE A 376 8.29 5.20 -29.65
C PHE A 376 7.77 6.51 -29.06
N LEU A 377 8.50 7.61 -29.34
CA LEU A 377 8.18 8.98 -28.98
C LEU A 377 7.85 9.74 -30.28
N ASN A 378 6.58 10.12 -30.43
CA ASN A 378 6.03 10.78 -31.60
C ASN A 378 5.50 12.19 -31.26
N ILE A 379 6.31 13.22 -31.55
CA ILE A 379 5.98 14.61 -31.34
C ILE A 379 5.52 15.24 -32.67
N GLN A 380 4.19 15.29 -32.89
CA GLN A 380 3.60 15.89 -34.09
C GLN A 380 3.20 17.32 -33.74
N SER A 381 3.12 17.59 -32.41
CA SER A 381 2.74 18.89 -31.86
C SER A 381 3.34 19.08 -30.48
N TRP A 382 3.71 20.32 -30.18
CA TRP A 382 4.29 20.72 -28.91
C TRP A 382 3.79 22.13 -28.59
N PRO A 383 3.52 22.48 -27.31
CA PRO A 383 3.03 23.84 -27.00
C PRO A 383 4.01 24.89 -27.58
N PRO A 384 3.48 25.85 -28.40
CA PRO A 384 4.38 26.80 -29.10
C PRO A 384 5.27 27.66 -28.23
N ASN A 385 4.98 27.73 -26.90
CA ASN A 385 5.78 28.51 -25.93
C ASN A 385 6.89 27.67 -25.21
N MET A 386 7.01 26.39 -25.56
CA MET A 386 8.03 25.51 -24.99
C MET A 386 9.12 25.36 -26.03
N THR A 387 10.30 25.87 -25.68
CA THR A 387 11.45 25.94 -26.56
C THR A 387 12.22 24.64 -26.65
N ASP A 388 11.78 23.59 -25.92
CA ASP A 388 12.51 22.32 -25.85
C ASP A 388 11.67 21.17 -25.30
N PHE A 389 12.34 20.04 -25.10
CA PHE A 389 11.78 18.80 -24.59
C PHE A 389 12.42 18.43 -23.22
N SER A 390 12.79 19.48 -22.42
CA SER A 390 13.37 19.36 -21.08
C SER A 390 12.44 18.72 -20.03
N VAL A 391 11.17 18.48 -20.38
CA VAL A 391 10.25 17.72 -19.54
C VAL A 391 10.66 16.24 -19.59
N PHE A 392 11.46 15.84 -20.61
CA PHE A 392 12.00 14.49 -20.83
C PHE A 392 13.51 14.45 -20.50
N SER A 393 13.91 15.36 -19.60
CA SER A 393 15.29 15.54 -19.10
C SER A 393 15.90 14.29 -18.46
N ASN A 394 15.06 13.35 -17.96
CA ASN A 394 15.54 12.16 -17.29
C ASN A 394 15.36 10.86 -18.08
N LEU A 395 14.80 10.99 -19.31
CA LEU A 395 14.60 9.92 -20.27
C LEU A 395 15.97 9.39 -20.67
N VAL A 396 16.24 8.13 -20.31
CA VAL A 396 17.51 7.47 -20.59
C VAL A 396 17.42 6.63 -21.85
N THR A 397 16.32 5.90 -22.01
CA THR A 397 16.13 4.94 -23.10
C THR A 397 14.83 5.11 -23.86
N ILE A 398 14.92 4.94 -25.22
CA ILE A 398 13.79 4.80 -26.13
C ILE A 398 13.98 3.41 -26.72
N GLY A 399 13.12 2.49 -26.32
CA GLY A 399 13.21 1.09 -26.70
C GLY A 399 12.93 0.78 -28.14
N GLY A 400 11.93 1.44 -28.73
CA GLY A 400 11.54 1.16 -30.10
C GLY A 400 11.14 -0.29 -30.31
N ARG A 401 10.55 -0.94 -29.27
CA ARG A 401 10.05 -2.32 -29.31
C ARG A 401 8.90 -2.40 -30.33
N VAL A 402 8.17 -1.28 -30.47
CA VAL A 402 7.11 -1.05 -31.44
C VAL A 402 7.50 0.27 -32.13
N LEU A 403 7.36 0.32 -33.46
CA LEU A 403 7.72 1.48 -34.27
C LEU A 403 6.56 2.13 -35.04
N TYR A 404 6.73 3.41 -35.39
CA TYR A 404 5.83 4.25 -36.19
C TYR A 404 6.53 4.39 -37.55
N SER A 405 6.17 3.51 -38.52
CA SER A 405 6.76 3.44 -39.86
C SER A 405 8.30 3.39 -39.83
N GLY A 406 8.82 2.52 -38.95
CA GLY A 406 10.25 2.31 -38.74
C GLY A 406 10.94 3.28 -37.79
N LEU A 407 10.20 4.32 -37.34
CA LEU A 407 10.76 5.36 -36.46
C LEU A 407 10.39 5.15 -35.01
N SER A 408 11.38 5.40 -34.12
CA SER A 408 11.26 5.29 -32.67
C SER A 408 11.27 6.71 -32.04
N LEU A 409 11.68 7.72 -32.83
CA LEU A 409 11.72 9.15 -32.45
C LEU A 409 11.37 10.03 -33.64
N LEU A 410 10.25 10.73 -33.54
CA LEU A 410 9.70 11.59 -34.57
C LEU A 410 9.41 12.93 -33.94
N ILE A 411 10.11 13.97 -34.41
CA ILE A 411 9.98 15.37 -33.99
C ILE A 411 9.80 16.09 -35.31
N LEU A 412 8.56 16.53 -35.56
CA LEU A 412 8.18 17.07 -36.83
C LEU A 412 7.39 18.38 -36.78
N LYS A 413 7.87 19.39 -37.53
CA LYS A 413 7.25 20.68 -37.82
C LYS A 413 7.06 21.63 -36.62
N GLN A 414 8.03 21.63 -35.70
CA GLN A 414 7.93 22.50 -34.52
C GLN A 414 8.67 23.81 -34.66
N GLN A 415 7.92 24.90 -34.77
CA GLN A 415 8.46 26.25 -34.92
C GLN A 415 8.88 26.83 -33.58
N GLY A 416 8.31 26.29 -32.50
CA GLY A 416 8.56 26.76 -31.15
C GLY A 416 9.86 26.28 -30.55
N ILE A 417 10.41 25.15 -31.03
CA ILE A 417 11.62 24.56 -30.46
C ILE A 417 12.93 25.16 -30.92
N THR A 418 13.84 25.35 -29.96
CA THR A 418 15.14 26.01 -30.06
C THR A 418 16.34 25.04 -29.84
N SER A 419 16.13 24.03 -28.96
CA SER A 419 17.06 22.97 -28.57
C SER A 419 16.26 21.72 -28.23
N LEU A 420 16.93 20.57 -28.09
CA LEU A 420 16.22 19.33 -27.76
C LEU A 420 16.11 19.22 -26.25
N GLN A 421 17.28 19.16 -25.58
CA GLN A 421 17.42 19.08 -24.12
C GLN A 421 17.00 17.78 -23.46
N PHE A 422 17.24 16.65 -24.18
CA PHE A 422 17.04 15.27 -23.73
C PHE A 422 18.34 14.87 -23.01
N GLN A 423 18.69 15.63 -21.94
CA GLN A 423 19.98 15.54 -21.24
C GLN A 423 20.47 14.18 -20.72
N SER A 424 19.57 13.22 -20.54
CA SER A 424 19.88 11.88 -20.03
C SER A 424 19.79 10.80 -21.10
N LEU A 425 19.28 11.15 -22.29
CA LEU A 425 19.13 10.20 -23.40
C LEU A 425 20.42 9.55 -23.78
N LYS A 426 20.52 8.26 -23.48
CA LYS A 426 21.71 7.48 -23.73
C LYS A 426 21.53 6.30 -24.68
N GLU A 427 20.28 5.86 -24.92
CA GLU A 427 20.02 4.69 -25.74
C GLU A 427 18.74 4.74 -26.57
N ILE A 428 18.86 4.46 -27.88
CA ILE A 428 17.73 4.33 -28.82
C ILE A 428 17.90 2.93 -29.36
N SER A 429 17.35 1.96 -28.61
CA SER A 429 17.50 0.52 -28.81
C SER A 429 17.12 -0.06 -30.17
N ALA A 430 16.17 0.58 -30.85
CA ALA A 430 15.68 0.14 -32.17
C ALA A 430 15.02 1.30 -32.86
N GLY A 431 14.88 1.21 -34.18
CA GLY A 431 14.23 2.18 -35.06
C GLY A 431 15.07 3.37 -35.43
N ASN A 432 14.58 4.15 -36.39
CA ASN A 432 15.28 5.37 -36.85
C ASN A 432 14.77 6.64 -36.18
N ILE A 433 15.47 7.75 -36.46
CA ILE A 433 15.16 9.09 -35.95
C ILE A 433 14.72 9.96 -37.12
N TYR A 434 13.69 10.79 -36.90
CA TYR A 434 13.15 11.70 -37.88
C TYR A 434 12.96 13.06 -37.18
N ILE A 435 13.95 13.98 -37.33
CA ILE A 435 13.90 15.34 -36.76
C ILE A 435 13.84 16.30 -37.92
N THR A 436 12.61 16.78 -38.20
CA THR A 436 12.31 17.51 -39.43
C THR A 436 11.40 18.76 -39.35
N ASP A 437 11.67 19.74 -40.25
CA ASP A 437 10.96 21.02 -40.45
C ASP A 437 10.83 21.87 -39.19
N ASN A 438 11.77 21.69 -38.24
CA ASN A 438 11.85 22.41 -36.98
C ASN A 438 12.80 23.61 -37.21
N SER A 439 12.30 24.59 -37.97
CA SER A 439 12.94 25.81 -38.48
C SER A 439 13.87 26.60 -37.56
N ASN A 440 13.58 26.60 -36.26
CA ASN A 440 14.36 27.35 -35.28
C ASN A 440 15.21 26.44 -34.40
N LEU A 441 15.16 25.15 -34.65
CA LEU A 441 15.91 24.20 -33.84
C LEU A 441 17.40 24.10 -34.17
N CYS A 442 18.23 24.32 -33.13
CA CYS A 442 19.68 24.17 -33.21
C CYS A 442 20.12 22.94 -32.40
N TYR A 443 21.45 22.74 -32.29
CA TYR A 443 22.13 21.69 -31.51
C TYR A 443 22.08 20.31 -32.12
N TYR A 444 20.94 19.95 -32.77
CA TYR A 444 20.63 18.66 -33.40
C TYR A 444 21.82 18.12 -34.27
N HIS A 445 22.52 19.04 -35.01
CA HIS A 445 23.63 18.82 -35.96
C HIS A 445 24.99 18.55 -35.28
N THR A 446 25.09 18.88 -33.97
CA THR A 446 26.28 18.64 -33.14
C THR A 446 26.22 17.19 -32.62
N ILE A 447 25.01 16.61 -32.56
CA ILE A 447 24.77 15.26 -32.04
C ILE A 447 25.26 14.20 -33.00
N ASN A 448 26.07 13.28 -32.44
CA ASN A 448 26.58 12.04 -33.04
C ASN A 448 25.58 10.99 -32.56
N TRP A 449 24.57 10.72 -33.41
CA TRP A 449 23.46 9.81 -33.14
C TRP A 449 23.92 8.37 -32.96
N THR A 450 24.99 8.03 -33.65
CA THR A 450 25.65 6.73 -33.59
C THR A 450 25.83 6.26 -32.13
N THR A 451 26.34 7.13 -31.24
CA THR A 451 26.58 6.83 -29.82
C THR A 451 25.35 6.34 -29.03
N LEU A 452 24.13 6.60 -29.57
CA LEU A 452 22.86 6.26 -28.93
C LEU A 452 22.26 4.99 -29.49
N PHE A 453 22.57 4.71 -30.78
CA PHE A 453 22.07 3.57 -31.53
C PHE A 453 22.69 2.26 -31.09
N SER A 454 21.85 1.22 -30.91
CA SER A 454 22.33 -0.08 -30.49
C SER A 454 22.68 -1.04 -31.64
N THR A 455 22.24 -0.71 -32.88
CA THR A 455 22.42 -1.54 -34.08
C THR A 455 22.80 -0.75 -35.35
N ILE A 456 23.45 -1.43 -36.33
CA ILE A 456 23.96 -0.93 -37.61
C ILE A 456 22.92 -0.32 -38.56
N ASN A 457 21.70 -0.90 -38.59
CA ASN A 457 20.59 -0.51 -39.47
C ASN A 457 19.96 0.83 -39.10
N GLN A 458 20.17 1.27 -37.84
CA GLN A 458 19.59 2.52 -37.33
C GLN A 458 20.21 3.76 -37.96
N ARG A 459 19.35 4.60 -38.56
CA ARG A 459 19.74 5.79 -39.31
C ARG A 459 18.95 7.04 -38.90
N ILE A 460 19.37 8.21 -39.40
CA ILE A 460 18.76 9.48 -39.06
C ILE A 460 18.20 10.25 -40.26
N VAL A 461 16.98 10.73 -40.13
CA VAL A 461 16.40 11.61 -41.13
C VAL A 461 16.48 13.01 -40.48
N ILE A 462 17.40 13.82 -40.99
CA ILE A 462 17.58 15.20 -40.57
C ILE A 462 17.33 16.04 -41.80
N ARG A 463 16.41 17.03 -41.69
CA ARG A 463 16.02 17.87 -42.81
C ARG A 463 15.26 19.11 -42.37
N ASP A 464 15.61 20.26 -42.95
CA ASP A 464 14.96 21.56 -42.76
C ASP A 464 14.76 22.09 -41.34
N ASN A 465 15.77 21.90 -40.49
CA ASN A 465 15.80 22.49 -39.16
C ASN A 465 16.65 23.76 -39.37
N ARG A 466 17.11 24.43 -38.30
CA ARG A 466 17.92 25.63 -38.50
C ARG A 466 19.27 25.25 -39.10
N LYS A 467 19.75 26.01 -40.10
CA LYS A 467 21.03 25.80 -40.76
C LYS A 467 22.13 25.79 -39.71
N ALA A 468 22.94 24.71 -39.70
CA ALA A 468 24.04 24.53 -38.74
C ALA A 468 24.97 25.76 -38.64
N GLU A 469 25.23 26.41 -39.80
CA GLU A 469 26.07 27.61 -39.94
C GLU A 469 25.44 28.83 -39.24
N ASN A 470 24.11 29.01 -39.38
CA ASN A 470 23.35 30.10 -38.75
C ASN A 470 23.25 29.88 -37.24
N CYS A 471 23.26 28.60 -36.79
CA CYS A 471 23.26 28.23 -35.38
C CYS A 471 24.58 28.72 -34.76
N THR A 472 25.72 28.35 -35.40
CA THR A 472 27.09 28.70 -35.00
C THR A 472 27.30 30.21 -34.91
N ALA A 473 26.86 30.95 -35.95
CA ALA A 473 26.95 32.41 -36.08
C ALA A 473 26.19 33.12 -34.97
N GLU A 474 25.03 32.55 -34.58
CA GLU A 474 24.17 33.07 -33.50
C GLU A 474 24.61 32.56 -32.13
N GLY A 475 25.69 31.79 -32.10
CA GLY A 475 26.28 31.27 -30.88
C GLY A 475 25.65 30.05 -30.25
N MET A 476 24.78 29.35 -30.99
CA MET A 476 24.13 28.13 -30.52
C MET A 476 25.15 27.01 -30.72
N VAL A 477 26.07 26.89 -29.75
CA VAL A 477 27.22 25.99 -29.79
C VAL A 477 27.37 25.21 -28.47
N CYS A 478 27.95 24.00 -28.55
CA CYS A 478 28.19 23.17 -27.37
C CYS A 478 29.22 23.80 -26.43
N ASN A 479 29.05 23.57 -25.13
CA ASN A 479 29.95 23.99 -24.07
C ASN A 479 31.31 23.28 -24.27
N HIS A 480 32.40 23.95 -23.83
CA HIS A 480 33.78 23.44 -23.94
C HIS A 480 33.97 22.06 -23.29
N LEU A 481 33.24 21.80 -22.18
CA LEU A 481 33.29 20.55 -21.41
C LEU A 481 32.76 19.31 -22.15
N CYS A 482 31.90 19.52 -23.18
CA CYS A 482 31.32 18.44 -23.99
C CYS A 482 32.36 17.75 -24.88
N SER A 483 32.17 16.43 -25.11
CA SER A 483 33.00 15.62 -26.00
C SER A 483 32.71 15.96 -27.50
N SER A 484 33.41 15.28 -28.45
CA SER A 484 33.22 15.45 -29.90
C SER A 484 31.79 15.09 -30.28
N ASP A 485 31.12 14.25 -29.42
CA ASP A 485 29.74 13.76 -29.52
C ASP A 485 28.63 14.83 -29.48
N GLY A 486 28.96 16.06 -29.08
CA GLY A 486 27.99 17.15 -29.07
C GLY A 486 27.11 17.33 -27.84
N CYS A 487 25.99 18.03 -28.05
CA CYS A 487 25.07 18.43 -26.98
C CYS A 487 23.61 18.51 -27.42
N TRP A 488 22.70 18.45 -26.44
CA TRP A 488 21.26 18.53 -26.62
C TRP A 488 20.73 19.98 -26.59
N GLY A 489 21.56 20.87 -26.07
CA GLY A 489 21.25 22.27 -25.91
C GLY A 489 22.41 23.03 -25.31
N PRO A 490 22.17 24.29 -24.87
CA PRO A 490 23.28 25.08 -24.32
C PRO A 490 23.55 24.74 -22.87
N GLY A 491 24.80 24.96 -22.45
CA GLY A 491 25.23 24.72 -21.09
C GLY A 491 26.08 23.48 -20.91
N PRO A 492 26.66 23.32 -19.70
CA PRO A 492 27.51 22.14 -19.45
C PRO A 492 26.78 20.93 -18.87
N ASP A 493 25.43 21.02 -18.77
CA ASP A 493 24.57 19.96 -18.25
C ASP A 493 23.91 19.24 -19.44
N GLN A 494 24.24 19.70 -20.67
CA GLN A 494 23.65 19.21 -21.92
C GLN A 494 24.54 18.37 -22.82
N CYS A 495 25.74 18.02 -22.35
CA CYS A 495 26.71 17.20 -23.09
C CYS A 495 26.21 15.78 -23.31
N LEU A 496 26.67 15.11 -24.37
CA LEU A 496 26.34 13.70 -24.60
C LEU A 496 27.31 12.85 -23.73
N SER A 497 28.60 13.24 -23.70
CA SER A 497 29.66 12.59 -22.92
C SER A 497 30.63 13.63 -22.32
#